data_6PDG
#
_entry.id   6PDG
#
_cell.length_a   45.923
_cell.length_b   56.284
_cell.length_c   123.743
_cell.angle_alpha   90.00
_cell.angle_beta   90.00
_cell.angle_gamma   90.00
#
_symmetry.space_group_name_H-M   'P 21 21 21'
#
loop_
_entity.id
_entity.type
_entity.pdbx_description
1 polymer 'Histone acetyltransferase KAT8'
2 non-polymer 'ZINC ION'
3 non-polymer 'SODIUM ION'
4 non-polymer GLYCEROL
5 non-polymer 'SULFATE ION'
6 non-polymer "5-ethoxy-2-fluoro-3-methyl-N'-[(naphthalen-2-yl)sulfonyl]benzohydrazide"
7 water water
#
_entity_poly.entity_id   1
_entity_poly.type   'polypeptide(L)'
_entity_poly.pdbx_seq_one_letter_code
;KYVDKIHIGNYEIDAWYFSPFPEDYGKQPKLWLCEYCLKYMKYEKSYRFHLGQCQWRQPPGKEIYRKSNISVHEVDGKDH
KIYCQNLCLLAKLFLDH(ALY)TLYFDVEPFVFYILTEVDRQGAHIVGYFSKEKESPDGNNVSCIMILPPYQRRGYGRFL
IAFSYELSKLESTVGSPEKPLSDLGKLSYRSYWSSVLLENLRDFRGTLSIKDLSQMTSITQNDIISTLQSLNMVKYWKGQ
HVICVTPKLVEEHLKSAQYKKPPITVDSVCLKWAPP
;
_entity_poly.pdbx_strand_id   A
#
# COMPACT_ATOMS: atom_id res chain seq x y z
N LYS A 1 22.45 -12.52 -15.18
CA LYS A 1 21.65 -13.20 -14.18
C LYS A 1 21.10 -12.21 -13.15
N TYR A 2 19.78 -12.26 -12.94
CA TYR A 2 19.11 -11.35 -12.02
C TYR A 2 18.82 -12.04 -10.70
N VAL A 3 18.54 -11.23 -9.68
CA VAL A 3 17.98 -11.77 -8.43
C VAL A 3 16.67 -12.50 -8.75
N ASP A 4 16.59 -13.77 -8.37
CA ASP A 4 15.38 -14.55 -8.58
C ASP A 4 14.79 -15.13 -7.30
N LYS A 5 15.47 -14.99 -6.17
CA LYS A 5 14.94 -15.50 -4.92
C LYS A 5 15.54 -14.69 -3.78
N ILE A 6 14.71 -14.37 -2.79
CA ILE A 6 15.19 -13.64 -1.62
C ILE A 6 14.83 -14.43 -0.38
N HIS A 7 15.62 -14.20 0.67
CA HIS A 7 15.29 -14.64 2.02
C HIS A 7 15.15 -13.37 2.86
N ILE A 8 13.98 -13.17 3.43
CA ILE A 8 13.73 -11.99 4.28
C ILE A 8 12.94 -12.43 5.50
N GLY A 9 13.46 -12.13 6.67
CA GLY A 9 12.84 -12.63 7.88
C GLY A 9 12.92 -14.14 7.90
N ASN A 10 11.77 -14.79 8.04
CA ASN A 10 11.69 -16.24 7.99
C ASN A 10 11.08 -16.73 6.68
N TYR A 11 10.99 -15.87 5.67
CA TYR A 11 10.39 -16.22 4.38
C TYR A 11 11.46 -16.37 3.30
N GLU A 12 11.25 -17.34 2.42
CA GLU A 12 11.90 -17.38 1.13
C GLU A 12 10.86 -17.01 0.09
N ILE A 13 11.20 -16.09 -0.82
CA ILE A 13 10.24 -15.56 -1.77
C ILE A 13 10.87 -15.52 -3.15
N ASP A 14 10.21 -16.14 -4.13
CA ASP A 14 10.65 -16.07 -5.52
C ASP A 14 10.33 -14.71 -6.12
N ALA A 15 11.26 -14.20 -6.93
CA ALA A 15 11.06 -12.91 -7.58
C ALA A 15 10.04 -13.01 -8.72
N TRP A 16 9.36 -11.90 -9.00
CA TRP A 16 8.43 -11.79 -10.11
C TRP A 16 8.99 -10.99 -11.28
N TYR A 17 9.90 -10.04 -11.02
CA TYR A 17 10.37 -9.12 -12.04
C TYR A 17 11.82 -8.76 -11.79
N PHE A 18 12.46 -8.19 -12.81
CA PHE A 18 13.81 -7.69 -12.68
C PHE A 18 13.84 -6.50 -11.74
N SER A 19 14.83 -6.49 -10.84
CA SER A 19 15.11 -5.32 -10.00
C SER A 19 16.62 -5.03 -10.08
N PRO A 20 17.02 -3.78 -10.25
CA PRO A 20 18.43 -3.48 -10.57
C PRO A 20 19.34 -3.45 -9.33
N PHE A 21 19.40 -4.56 -8.60
CA PHE A 21 20.47 -4.75 -7.63
C PHE A 21 21.81 -4.78 -8.38
N PRO A 22 22.90 -4.45 -7.69
CA PRO A 22 24.21 -4.49 -8.37
C PRO A 22 24.49 -5.88 -8.95
N GLU A 23 25.31 -5.88 -10.00
CA GLU A 23 25.55 -7.09 -10.77
C GLU A 23 26.05 -8.25 -9.91
N ASP A 24 26.97 -7.96 -8.98
CA ASP A 24 27.55 -9.03 -8.18
C ASP A 24 26.56 -9.62 -7.18
N TYR A 25 25.45 -8.92 -6.91
CA TYR A 25 24.38 -9.47 -6.07
C TYR A 25 23.41 -10.33 -6.86
N GLY A 26 23.11 -9.95 -8.10
CA GLY A 26 22.19 -10.73 -8.91
C GLY A 26 22.74 -12.10 -9.25
N LYS A 27 24.06 -12.21 -9.39
CA LYS A 27 24.65 -13.48 -9.79
C LYS A 27 24.47 -14.56 -8.72
N GLN A 28 24.26 -14.15 -7.46
CA GLN A 28 24.14 -15.13 -6.39
C GLN A 28 22.85 -15.95 -6.56
N PRO A 29 22.83 -17.17 -6.04
CA PRO A 29 21.58 -17.94 -6.06
C PRO A 29 20.46 -17.27 -5.30
N LYS A 30 20.78 -16.65 -4.17
CA LYS A 30 19.78 -16.04 -3.30
C LYS A 30 20.30 -14.72 -2.76
N LEU A 31 19.40 -13.77 -2.56
CA LEU A 31 19.72 -12.54 -1.86
C LEU A 31 19.09 -12.57 -0.48
N TRP A 32 19.85 -12.15 0.53
CA TRP A 32 19.42 -12.22 1.92
C TRP A 32 19.22 -10.82 2.44
N LEU A 33 18.02 -10.53 2.98
CA LEU A 33 17.66 -9.19 3.39
C LEU A 33 17.32 -9.16 4.87
N CYS A 34 17.94 -8.22 5.58
CA CYS A 34 17.52 -7.95 6.95
C CYS A 34 16.12 -7.36 6.93
N GLU A 35 15.18 -8.00 7.63
CA GLU A 35 13.80 -7.53 7.59
C GLU A 35 13.61 -6.19 8.29
N TYR A 36 14.58 -5.74 9.09
CA TYR A 36 14.43 -4.51 9.86
C TYR A 36 15.09 -3.31 9.19
N CYS A 37 16.36 -3.43 8.80
CA CYS A 37 17.06 -2.32 8.16
C CYS A 37 17.14 -2.46 6.65
N LEU A 38 16.68 -3.59 6.09
CA LEU A 38 16.60 -3.82 4.64
C LEU A 38 17.96 -3.87 3.96
N LYS A 39 19.03 -4.05 4.73
CA LYS A 39 20.33 -4.32 4.10
C LYS A 39 20.26 -5.64 3.35
N TYR A 40 20.78 -5.68 2.12
CA TYR A 40 20.80 -6.91 1.35
C TYR A 40 22.22 -7.48 1.32
N MET A 41 22.31 -8.81 1.36
CA MET A 41 23.59 -9.50 1.52
C MET A 41 23.65 -10.69 0.57
N LYS A 42 24.90 -11.10 0.26
CA LYS A 42 25.17 -12.12 -0.75
C LYS A 42 25.17 -13.54 -0.22
N TYR A 43 25.40 -13.72 1.08
CA TYR A 43 25.67 -15.04 1.63
C TYR A 43 24.89 -15.25 2.91
N GLU A 44 24.54 -16.51 3.16
CA GLU A 44 23.90 -16.87 4.41
C GLU A 44 24.78 -16.50 5.60
N LYS A 45 26.09 -16.63 5.45
CA LYS A 45 26.99 -16.35 6.57
C LYS A 45 27.04 -14.87 6.91
N SER A 46 27.05 -13.99 5.90
CA SER A 46 26.97 -12.58 6.21
C SER A 46 25.59 -12.21 6.75
N TYR A 47 24.56 -12.92 6.30
CA TYR A 47 23.22 -12.70 6.84
C TYR A 47 23.16 -13.05 8.32
N ARG A 48 23.65 -14.23 8.70
CA ARG A 48 23.59 -14.65 10.09
C ARG A 48 24.42 -13.73 10.99
N PHE A 49 25.59 -13.31 10.52
CA PHE A 49 26.38 -12.36 11.31
C PHE A 49 25.65 -11.03 11.49
N HIS A 50 25.04 -10.53 10.42
CA HIS A 50 24.29 -9.28 10.52
C HIS A 50 23.17 -9.39 11.55
N LEU A 51 22.43 -10.49 11.54
CA LEU A 51 21.29 -10.62 12.43
C LEU A 51 21.71 -10.54 13.90
N GLY A 52 22.92 -11.01 14.22
CA GLY A 52 23.42 -10.88 15.58
C GLY A 52 23.93 -9.49 15.92
N GLN A 53 24.25 -8.68 14.91
CA GLN A 53 24.74 -7.32 15.12
C GLN A 53 23.68 -6.26 14.98
N CYS A 54 22.70 -6.44 14.09
CA CYS A 54 21.75 -5.37 13.81
C CYS A 54 20.92 -5.05 15.03
N GLN A 55 20.85 -3.77 15.36
CA GLN A 55 20.08 -3.31 16.50
C GLN A 55 18.67 -2.88 16.14
N TRP A 56 18.36 -2.72 14.86
CA TRP A 56 17.02 -2.34 14.45
C TRP A 56 16.05 -3.48 14.71
N ARG A 57 14.87 -3.14 15.24
CA ARG A 57 13.78 -4.11 15.35
C ARG A 57 12.47 -3.54 14.81
N GLN A 58 12.55 -2.47 14.01
CA GLN A 58 11.40 -1.83 13.40
C GLN A 58 11.92 -0.87 12.34
N PRO A 59 11.06 -0.41 11.44
CA PRO A 59 11.50 0.55 10.42
C PRO A 59 11.95 1.86 11.06
N PRO A 60 12.73 2.67 10.33
CA PRO A 60 13.07 3.99 10.85
C PRO A 60 11.89 4.94 10.73
N GLY A 61 12.12 6.23 10.99
CA GLY A 61 11.06 7.20 10.87
C GLY A 61 10.12 7.20 12.06
N LYS A 62 8.98 7.84 11.88
CA LYS A 62 8.01 8.03 12.95
C LYS A 62 6.86 7.04 12.81
N GLU A 63 6.50 6.40 13.93
CA GLU A 63 5.35 5.51 14.00
C GLU A 63 4.09 6.36 14.00
N ILE A 64 3.46 6.54 12.83
CA ILE A 64 2.27 7.38 12.73
C ILE A 64 0.97 6.62 12.95
N TYR A 65 1.03 5.30 13.09
CA TYR A 65 -0.16 4.50 13.37
C TYR A 65 0.25 3.31 14.21
N ARG A 66 -0.48 3.06 15.29
CA ARG A 66 -0.27 1.86 16.09
C ARG A 66 -1.60 1.48 16.73
N LYS A 67 -2.12 0.32 16.36
CA LYS A 67 -3.26 -0.27 17.07
C LYS A 67 -3.00 -1.76 17.25
N SER A 68 -2.97 -2.20 18.51
CA SER A 68 -2.62 -3.58 18.82
C SER A 68 -1.25 -3.82 18.19
N ASN A 69 -1.07 -4.88 17.40
CA ASN A 69 0.24 -5.20 16.83
C ASN A 69 0.35 -4.81 15.36
N ILE A 70 -0.48 -3.88 14.89
CA ILE A 70 -0.41 -3.36 13.53
C ILE A 70 0.16 -1.94 13.60
N SER A 71 1.19 -1.68 12.80
CA SER A 71 1.97 -0.45 12.91
C SER A 71 2.27 0.10 11.51
N VAL A 72 2.29 1.42 11.39
CA VAL A 72 2.71 2.09 10.15
C VAL A 72 3.77 3.12 10.51
N HIS A 73 4.92 3.05 9.84
CA HIS A 73 5.98 4.02 9.99
C HIS A 73 6.05 4.92 8.76
N GLU A 74 6.24 6.21 9.00
CA GLU A 74 6.39 7.20 7.92
C GLU A 74 7.88 7.51 7.79
N VAL A 75 8.43 7.31 6.59
CA VAL A 75 9.87 7.41 6.38
C VAL A 75 10.13 8.38 5.23
N ASP A 76 10.82 9.48 5.54
CA ASP A 76 11.13 10.48 4.53
C ASP A 76 12.31 10.03 3.69
N GLY A 77 12.13 10.05 2.36
CA GLY A 77 13.20 9.61 1.47
C GLY A 77 14.48 10.42 1.62
N LYS A 78 14.37 11.69 2.01
CA LYS A 78 15.58 12.48 2.18
C LYS A 78 16.27 12.16 3.50
N ASP A 79 15.52 11.78 4.53
CA ASP A 79 16.11 11.49 5.84
C ASP A 79 16.71 10.10 5.94
N HIS A 80 16.22 9.14 5.16
CA HIS A 80 16.63 7.74 5.29
C HIS A 80 16.83 7.16 3.90
N LYS A 81 17.82 7.72 3.19
CA LYS A 81 17.96 7.48 1.76
C LYS A 81 18.27 6.02 1.44
N ILE A 82 19.29 5.45 2.10
CA ILE A 82 19.68 4.07 1.81
C ILE A 82 18.54 3.10 2.10
N TYR A 83 17.86 3.28 3.24
CA TYR A 83 16.75 2.41 3.58
C TYR A 83 15.67 2.47 2.51
N CYS A 84 15.32 3.67 2.05
CA CYS A 84 14.25 3.80 1.06
C CYS A 84 14.68 3.27 -0.30
N GLN A 85 15.96 3.38 -0.64
CA GLN A 85 16.45 2.77 -1.88
C GLN A 85 16.35 1.25 -1.82
N ASN A 86 16.76 0.65 -0.69
CA ASN A 86 16.65 -0.79 -0.55
C ASN A 86 15.21 -1.25 -0.57
N LEU A 87 14.31 -0.45 0.03
CA LEU A 87 12.90 -0.75 -0.04
C LEU A 87 12.40 -0.75 -1.47
N CYS A 88 12.83 0.23 -2.27
CA CYS A 88 12.40 0.29 -3.66
C CYS A 88 12.96 -0.87 -4.48
N LEU A 89 14.20 -1.28 -4.21
CA LEU A 89 14.75 -2.44 -4.89
C LEU A 89 13.96 -3.70 -4.53
N LEU A 90 13.63 -3.86 -3.26
CA LEU A 90 12.76 -4.96 -2.84
C LEU A 90 11.41 -4.91 -3.54
N ALA A 91 10.78 -3.73 -3.56
CA ALA A 91 9.45 -3.61 -4.17
C ALA A 91 9.48 -3.94 -5.65
N LYS A 92 10.55 -3.54 -6.35
CA LYS A 92 10.65 -3.75 -7.79
C LYS A 92 10.67 -5.24 -8.15
N LEU A 93 11.06 -6.11 -7.22
CA LEU A 93 11.00 -7.54 -7.50
C LEU A 93 9.58 -8.02 -7.69
N PHE A 94 8.59 -7.27 -7.21
CA PHE A 94 7.20 -7.68 -7.25
C PHE A 94 6.29 -6.69 -7.97
N LEU A 95 6.82 -5.58 -8.47
CA LEU A 95 6.08 -4.59 -9.24
C LEU A 95 6.69 -4.45 -10.62
N ASP A 96 5.87 -4.64 -11.65
CA ASP A 96 6.39 -4.53 -13.02
C ASP A 96 6.64 -3.08 -13.41
N HIS A 97 5.76 -2.17 -12.97
CA HIS A 97 5.72 -0.81 -13.51
C HIS A 97 6.45 0.23 -12.68
N THR A 99 9.48 2.33 -11.59
CA THR A 99 10.66 2.75 -12.36
C THR A 99 11.69 3.54 -11.56
N LEU A 100 11.35 3.95 -10.35
CA LEU A 100 12.20 4.82 -9.54
C LEU A 100 12.65 4.07 -8.30
N TYR A 101 13.97 3.99 -8.09
CA TYR A 101 14.51 3.21 -6.99
C TYR A 101 15.55 3.99 -6.19
N PHE A 102 16.25 4.91 -6.83
CA PHE A 102 17.39 5.58 -6.21
C PHE A 102 17.14 7.04 -5.92
N ASP A 103 16.32 7.72 -6.72
CA ASP A 103 15.92 9.10 -6.45
C ASP A 103 14.69 9.09 -5.54
N VAL A 104 14.95 8.79 -4.27
CA VAL A 104 13.87 8.63 -3.29
C VAL A 104 13.54 9.91 -2.53
N GLU A 105 14.36 10.95 -2.69
CA GLU A 105 14.12 12.21 -1.97
C GLU A 105 12.73 12.78 -2.19
N PRO A 106 12.15 12.78 -3.39
CA PRO A 106 10.81 13.37 -3.55
C PRO A 106 9.69 12.57 -2.89
N PHE A 107 9.98 11.44 -2.22
CA PHE A 107 8.93 10.55 -1.76
C PHE A 107 8.93 10.43 -0.24
N VAL A 108 7.75 10.12 0.29
CA VAL A 108 7.57 9.63 1.65
C VAL A 108 7.05 8.20 1.56
N PHE A 109 7.55 7.34 2.45
CA PHE A 109 7.25 5.92 2.40
C PHE A 109 6.52 5.52 3.68
N TYR A 110 5.45 4.74 3.52
CA TYR A 110 4.62 4.30 4.63
C TYR A 110 4.77 2.79 4.75
N ILE A 111 5.43 2.33 5.81
CA ILE A 111 5.81 0.93 5.99
C ILE A 111 4.81 0.27 6.92
N LEU A 112 4.16 -0.78 6.44
CA LEU A 112 3.24 -1.56 7.27
C LEU A 112 3.99 -2.71 7.92
N THR A 113 3.87 -2.84 9.24
CA THR A 113 4.50 -3.94 9.96
C THR A 113 3.50 -4.61 10.89
N GLU A 114 3.76 -5.89 11.14
CA GLU A 114 3.02 -6.72 12.08
C GLU A 114 3.98 -7.10 13.20
N VAL A 115 3.63 -6.75 14.44
CA VAL A 115 4.58 -6.76 15.55
C VAL A 115 4.38 -8.01 16.39
N ASP A 116 5.50 -8.61 16.81
CA ASP A 116 5.46 -9.61 17.88
C ASP A 116 6.59 -9.35 18.87
N ARG A 117 6.90 -10.33 19.71
CA ARG A 117 7.89 -10.14 20.77
C ARG A 117 9.26 -9.76 20.20
N GLN A 118 9.61 -10.26 19.02
CA GLN A 118 10.96 -10.05 18.51
C GLN A 118 11.10 -8.72 17.76
N GLY A 119 10.02 -8.24 17.16
CA GLY A 119 10.10 -6.96 16.49
C GLY A 119 8.89 -6.71 15.61
N ALA A 120 9.04 -5.69 14.78
CA ALA A 120 8.00 -5.26 13.84
C ALA A 120 8.38 -5.76 12.45
N HIS A 121 7.60 -6.71 11.94
CA HIS A 121 7.95 -7.44 10.72
C HIS A 121 7.28 -6.81 9.50
N ILE A 122 8.08 -6.53 8.47
CA ILE A 122 7.58 -5.77 7.33
C ILE A 122 6.58 -6.61 6.53
N VAL A 123 5.46 -6.00 6.18
CA VAL A 123 4.42 -6.63 5.38
C VAL A 123 4.33 -6.02 3.98
N GLY A 124 4.51 -4.71 3.89
CA GLY A 124 4.35 -4.02 2.63
C GLY A 124 4.50 -2.54 2.86
N TYR A 125 4.19 -1.75 1.83
CA TYR A 125 4.39 -0.31 1.93
C TYR A 125 3.61 0.36 0.80
N PHE A 126 3.50 1.69 0.91
CA PHE A 126 3.22 2.48 -0.27
C PHE A 126 4.07 3.75 -0.21
N SER A 127 4.48 4.21 -1.38
CA SER A 127 5.20 5.46 -1.51
C SER A 127 4.24 6.54 -1.97
N LYS A 128 4.62 7.78 -1.74
CA LYS A 128 3.74 8.90 -2.04
C LYS A 128 4.59 10.12 -2.31
N GLU A 129 4.28 10.85 -3.38
CA GLU A 129 5.00 12.07 -3.69
C GLU A 129 4.70 13.14 -2.64
N LYS A 130 5.74 13.75 -2.08
CA LYS A 130 5.57 14.89 -1.19
C LYS A 130 4.72 15.97 -1.84
N GLU A 131 4.94 16.21 -3.13
CA GLU A 131 4.14 17.14 -3.93
C GLU A 131 3.66 16.40 -5.16
N SER A 132 2.35 16.17 -5.26
CA SER A 132 1.81 15.47 -6.42
C SER A 132 1.04 16.45 -7.30
N PRO A 133 1.58 16.85 -8.46
CA PRO A 133 0.80 17.72 -9.35
C PRO A 133 -0.45 17.03 -9.88
N ASP A 134 -0.41 15.72 -10.06
CA ASP A 134 -1.49 14.95 -10.66
C ASP A 134 -2.55 14.53 -9.65
N GLY A 135 -2.42 14.92 -8.38
CA GLY A 135 -3.36 14.47 -7.38
C GLY A 135 -3.31 12.99 -7.09
N ASN A 136 -2.11 12.41 -7.02
CA ASN A 136 -1.93 11.01 -6.69
C ASN A 136 -1.62 10.88 -5.20
N ASN A 137 -2.46 10.13 -4.48
CA ASN A 137 -2.22 9.90 -3.06
C ASN A 137 -1.42 8.62 -2.80
N VAL A 138 -1.10 7.87 -3.86
CA VAL A 138 -0.21 6.72 -3.80
C VAL A 138 0.61 6.72 -5.09
N SER A 139 1.91 6.51 -4.97
CA SER A 139 2.75 6.32 -6.14
C SER A 139 2.88 4.84 -6.48
N CYS A 140 3.48 4.06 -5.58
CA CYS A 140 3.52 2.61 -5.72
C CYS A 140 3.05 1.97 -4.42
N ILE A 141 2.38 0.83 -4.54
CA ILE A 141 1.87 0.12 -3.36
C ILE A 141 2.12 -1.36 -3.54
N MET A 142 2.68 -2.01 -2.53
CA MET A 142 3.16 -3.38 -2.67
C MET A 142 2.98 -4.12 -1.35
N ILE A 143 2.38 -5.31 -1.41
CA ILE A 143 2.31 -6.24 -0.29
C ILE A 143 3.18 -7.43 -0.65
N LEU A 144 4.05 -7.85 0.27
CA LEU A 144 4.91 -8.99 -0.02
C LEU A 144 4.07 -10.23 -0.25
N PRO A 145 4.46 -11.10 -1.19
CA PRO A 145 3.60 -12.22 -1.62
C PRO A 145 3.01 -13.04 -0.47
N PRO A 146 3.77 -13.43 0.56
CA PRO A 146 3.15 -14.25 1.62
C PRO A 146 2.06 -13.53 2.42
N TYR A 147 1.95 -12.21 2.33
CA TYR A 147 0.89 -11.48 3.01
C TYR A 147 -0.23 -11.05 2.08
N GLN A 148 -0.15 -11.37 0.80
CA GLN A 148 -1.15 -10.89 -0.14
C GLN A 148 -2.47 -11.59 0.07
N ARG A 149 -3.56 -10.90 -0.30
CA ARG A 149 -4.93 -11.40 -0.16
C ARG A 149 -5.24 -11.84 1.26
N ARG A 150 -4.69 -11.13 2.25
CA ARG A 150 -5.00 -11.42 3.64
C ARG A 150 -5.45 -10.17 4.39
N GLY A 151 -5.89 -9.14 3.66
CA GLY A 151 -6.43 -7.94 4.26
C GLY A 151 -5.44 -6.82 4.47
N TYR A 152 -4.14 -7.06 4.27
CA TYR A 152 -3.16 -6.00 4.52
C TYR A 152 -3.19 -4.95 3.42
N GLY A 153 -3.44 -5.38 2.18
CA GLY A 153 -3.55 -4.41 1.10
C GLY A 153 -4.78 -3.54 1.24
N ARG A 154 -5.89 -4.12 1.70
CA ARG A 154 -7.08 -3.34 2.01
C ARG A 154 -6.79 -2.30 3.07
N PHE A 155 -6.05 -2.69 4.12
CA PHE A 155 -5.67 -1.74 5.16
C PHE A 155 -4.86 -0.59 4.58
N LEU A 156 -3.87 -0.90 3.73
CA LEU A 156 -2.99 0.13 3.21
C LEU A 156 -3.73 1.09 2.28
N ILE A 157 -4.64 0.57 1.45
CA ILE A 157 -5.48 1.43 0.62
C ILE A 157 -6.32 2.36 1.49
N ALA A 158 -7.02 1.79 2.48
CA ALA A 158 -7.82 2.61 3.37
C ALA A 158 -6.98 3.67 4.07
N PHE A 159 -5.76 3.30 4.44
CA PHE A 159 -4.84 4.22 5.11
C PHE A 159 -4.47 5.39 4.19
N SER A 160 -4.20 5.10 2.91
CA SER A 160 -3.83 6.18 1.99
C SER A 160 -4.96 7.20 1.85
N TYR A 161 -6.21 6.74 1.94
CA TYR A 161 -7.32 7.67 1.83
C TYR A 161 -7.56 8.42 3.13
N GLU A 162 -7.22 7.81 4.28
CA GLU A 162 -7.29 8.54 5.54
C GLU A 162 -6.33 9.72 5.55
N LEU A 163 -5.15 9.55 4.96
CA LEU A 163 -4.22 10.67 4.84
C LEU A 163 -4.81 11.77 3.96
N SER A 164 -5.40 11.37 2.82
CA SER A 164 -6.02 12.36 1.93
C SER A 164 -7.14 13.11 2.63
N LYS A 165 -7.94 12.42 3.44
CA LYS A 165 -8.99 13.09 4.20
C LYS A 165 -8.40 14.15 5.12
N LEU A 166 -7.31 13.81 5.81
CA LEU A 166 -6.66 14.76 6.70
C LEU A 166 -6.04 15.93 5.93
N GLU A 167 -5.63 15.69 4.68
CA GLU A 167 -5.13 16.75 3.83
C GLU A 167 -6.24 17.54 3.14
N SER A 168 -7.51 17.21 3.41
CA SER A 168 -8.67 17.88 2.81
C SER A 168 -8.61 17.85 1.29
N THR A 169 -8.22 16.69 0.74
CA THR A 169 -8.10 16.57 -0.71
C THR A 169 -8.58 15.19 -1.14
N VAL A 170 -8.85 15.06 -2.44
CA VAL A 170 -9.10 13.77 -3.05
C VAL A 170 -7.79 13.29 -3.67
N GLY A 171 -7.71 11.99 -3.92
CA GLY A 171 -6.53 11.41 -4.53
C GLY A 171 -6.85 10.07 -5.15
N SER A 172 -5.92 9.61 -5.99
CA SER A 172 -6.05 8.37 -6.72
C SER A 172 -4.66 7.75 -6.84
N PRO A 173 -4.56 6.42 -6.87
CA PRO A 173 -3.24 5.82 -7.06
C PRO A 173 -2.70 6.13 -8.44
N GLU A 174 -1.37 6.24 -8.52
CA GLU A 174 -0.71 6.40 -9.80
C GLU A 174 -0.92 5.16 -10.64
N LYS A 175 -1.20 5.36 -11.93
CA LYS A 175 -1.40 4.28 -12.88
C LYS A 175 -0.13 4.03 -13.68
N PRO A 176 0.07 2.81 -14.19
CA PRO A 176 -0.80 1.64 -14.11
C PRO A 176 -0.61 0.84 -12.82
N LEU A 177 -1.68 0.23 -12.35
CA LEU A 177 -1.64 -0.63 -11.19
C LEU A 177 -1.29 -2.05 -11.60
N SER A 178 -0.68 -2.79 -10.67
CA SER A 178 -0.60 -4.23 -10.83
C SER A 178 -2.02 -4.80 -10.92
N ASP A 179 -2.09 -6.05 -11.41
CA ASP A 179 -3.39 -6.71 -11.54
C ASP A 179 -4.05 -6.90 -10.18
N LEU A 180 -3.27 -7.34 -9.19
CA LEU A 180 -3.82 -7.49 -7.85
C LEU A 180 -4.19 -6.12 -7.28
N GLY A 181 -3.38 -5.10 -7.59
CA GLY A 181 -3.71 -3.75 -7.16
C GLY A 181 -4.99 -3.23 -7.80
N LYS A 182 -5.16 -3.50 -9.09
CA LYS A 182 -6.38 -3.12 -9.81
C LYS A 182 -7.61 -3.76 -9.17
N LEU A 183 -7.57 -5.08 -8.99
CA LEU A 183 -8.67 -5.77 -8.33
C LEU A 183 -8.91 -5.22 -6.93
N SER A 184 -7.83 -4.95 -6.19
CA SER A 184 -7.96 -4.52 -4.80
C SER A 184 -8.59 -3.13 -4.70
N TYR A 185 -8.19 -2.21 -5.59
CA TYR A 185 -8.74 -0.86 -5.55
C TYR A 185 -10.21 -0.85 -5.93
N ARG A 186 -10.59 -1.63 -6.95
CA ARG A 186 -11.98 -1.65 -7.36
C ARG A 186 -12.88 -2.21 -6.26
N SER A 187 -12.43 -3.26 -5.57
CA SER A 187 -13.19 -3.79 -4.45
C SER A 187 -13.23 -2.82 -3.30
N TYR A 188 -12.13 -2.10 -3.05
CA TYR A 188 -12.14 -1.12 -1.97
C TYR A 188 -13.12 0.00 -2.27
N TRP A 189 -13.06 0.56 -3.49
CA TRP A 189 -13.97 1.62 -3.87
C TRP A 189 -15.42 1.14 -3.77
N SER A 190 -15.70 -0.06 -4.26
CA SER A 190 -17.05 -0.59 -4.20
C SER A 190 -17.53 -0.73 -2.75
N SER A 191 -16.69 -1.32 -1.89
CA SER A 191 -17.08 -1.52 -0.51
C SER A 191 -17.38 -0.21 0.19
N VAL A 192 -16.55 0.81 -0.05
CA VAL A 192 -16.72 2.09 0.64
C VAL A 192 -17.97 2.80 0.13
N LEU A 193 -18.17 2.82 -1.19
CA LEU A 193 -19.32 3.54 -1.74
C LEU A 193 -20.63 2.86 -1.37
N LEU A 194 -20.66 1.52 -1.41
CA LEU A 194 -21.86 0.79 -1.05
C LEU A 194 -22.21 0.99 0.41
N GLU A 195 -21.20 1.01 1.28
CA GLU A 195 -21.46 1.20 2.71
C GLU A 195 -22.02 2.58 2.99
N ASN A 196 -21.46 3.60 2.33
CA ASN A 196 -21.98 4.95 2.51
C ASN A 196 -23.39 5.08 1.94
N LEU A 197 -23.65 4.41 0.80
CA LEU A 197 -25.00 4.48 0.23
C LEU A 197 -26.02 3.74 1.10
N ARG A 198 -25.60 2.71 1.83
CA ARG A 198 -26.54 2.02 2.72
C ARG A 198 -26.90 2.87 3.91
N ASP A 199 -25.90 3.43 4.59
CA ASP A 199 -26.10 4.19 5.81
C ASP A 199 -26.94 5.44 5.57
N LEU A 204 -27.13 11.13 -1.29
CA LEU A 204 -25.78 11.61 -1.57
C LEU A 204 -25.54 11.79 -3.07
N SER A 205 -24.87 12.88 -3.43
CA SER A 205 -24.40 13.07 -4.79
C SER A 205 -23.02 12.44 -4.95
N ILE A 206 -22.56 12.38 -6.21
CA ILE A 206 -21.21 11.92 -6.48
C ILE A 206 -20.20 12.86 -5.83
N LYS A 207 -20.46 14.16 -5.88
CA LYS A 207 -19.58 15.11 -5.19
C LYS A 207 -19.59 14.89 -3.68
N ASP A 208 -20.75 14.49 -3.13
CA ASP A 208 -20.82 14.24 -1.69
C ASP A 208 -19.98 13.02 -1.31
N LEU A 209 -20.14 11.92 -2.04
CA LEU A 209 -19.32 10.73 -1.79
C LEU A 209 -17.83 11.04 -1.94
N SER A 210 -17.48 11.95 -2.84
CA SER A 210 -16.08 12.31 -3.04
C SER A 210 -15.51 13.03 -1.82
N GLN A 211 -16.28 13.95 -1.25
CA GLN A 211 -15.81 14.67 -0.07
C GLN A 211 -15.80 13.79 1.17
N MET A 212 -16.73 12.84 1.25
CA MET A 212 -16.78 11.96 2.42
C MET A 212 -15.64 10.94 2.42
N THR A 213 -15.17 10.53 1.23
CA THR A 213 -14.26 9.39 1.10
C THR A 213 -12.87 9.75 0.59
N SER A 214 -12.69 10.92 -0.02
CA SER A 214 -11.46 11.36 -0.70
C SER A 214 -11.18 10.54 -1.95
N ILE A 215 -12.10 9.70 -2.38
CA ILE A 215 -12.04 9.06 -3.70
C ILE A 215 -12.41 10.10 -4.75
N THR A 216 -11.67 10.13 -5.86
CA THR A 216 -11.96 11.11 -6.89
C THR A 216 -13.32 10.84 -7.50
N GLN A 217 -13.91 11.88 -8.10
CA GLN A 217 -15.21 11.71 -8.76
C GLN A 217 -15.10 10.70 -9.90
N ASN A 218 -13.98 10.71 -10.62
CA ASN A 218 -13.79 9.77 -11.72
C ASN A 218 -13.80 8.32 -11.22
N ASP A 219 -13.11 8.07 -10.11
CA ASP A 219 -13.06 6.70 -9.59
C ASP A 219 -14.41 6.28 -9.01
N ILE A 220 -15.13 7.22 -8.40
CA ILE A 220 -16.50 6.94 -7.98
C ILE A 220 -17.36 6.61 -9.19
N ILE A 221 -17.25 7.40 -10.25
CA ILE A 221 -18.12 7.22 -11.41
C ILE A 221 -17.83 5.89 -12.09
N SER A 222 -16.54 5.56 -12.30
CA SER A 222 -16.24 4.27 -12.93
C SER A 222 -16.68 3.11 -12.06
N THR A 223 -16.58 3.27 -10.73
CA THR A 223 -17.04 2.20 -9.85
C THR A 223 -18.56 2.07 -9.88
N LEU A 224 -19.27 3.20 -9.85
CA LEU A 224 -20.73 3.15 -9.90
C LEU A 224 -21.22 2.58 -11.22
N GLN A 225 -20.50 2.86 -12.31
CA GLN A 225 -20.84 2.27 -13.60
C GLN A 225 -20.68 0.75 -13.57
N SER A 226 -19.58 0.26 -12.99
CA SER A 226 -19.37 -1.18 -12.92
C SER A 226 -20.45 -1.86 -12.09
N LEU A 227 -20.97 -1.17 -11.07
CA LEU A 227 -22.08 -1.65 -10.27
C LEU A 227 -23.45 -1.36 -10.91
N ASN A 228 -23.46 -0.63 -12.02
CA ASN A 228 -24.70 -0.25 -12.71
C ASN A 228 -25.63 0.52 -11.77
N MET A 229 -25.08 1.50 -11.06
CA MET A 229 -25.82 2.30 -10.09
C MET A 229 -25.85 3.78 -10.47
N VAL A 230 -25.64 4.12 -11.73
CA VAL A 230 -25.59 5.50 -12.18
C VAL A 230 -26.46 5.65 -13.42
N LYS A 231 -27.19 6.75 -13.49
CA LYS A 231 -27.88 7.18 -14.70
C LYS A 231 -27.13 8.36 -15.32
N TYR A 232 -27.41 8.60 -16.60
CA TYR A 232 -26.87 9.77 -17.29
C TYR A 232 -28.03 10.66 -17.71
N TRP A 233 -27.91 11.95 -17.41
CA TRP A 233 -28.94 12.91 -17.79
C TRP A 233 -28.28 14.19 -18.25
N LYS A 234 -28.36 14.46 -19.55
CA LYS A 234 -27.87 15.69 -20.16
C LYS A 234 -26.44 16.03 -19.73
N GLY A 235 -25.56 15.04 -19.91
CA GLY A 235 -24.15 15.25 -19.73
C GLY A 235 -23.63 15.06 -18.32
N GLN A 236 -24.47 14.67 -17.38
CA GLN A 236 -24.07 14.49 -16.00
C GLN A 236 -24.41 13.09 -15.51
N HIS A 237 -23.41 12.44 -14.89
CA HIS A 237 -23.64 11.18 -14.19
C HIS A 237 -24.46 11.43 -12.93
N VAL A 238 -25.44 10.56 -12.66
CA VAL A 238 -26.35 10.75 -11.54
C VAL A 238 -26.57 9.40 -10.84
N ILE A 239 -26.37 9.38 -9.51
CA ILE A 239 -26.48 8.15 -8.74
C ILE A 239 -27.92 7.63 -8.79
N CYS A 240 -28.07 6.36 -9.19
CA CYS A 240 -29.40 5.75 -9.33
C CYS A 240 -29.39 4.38 -8.66
N VAL A 241 -29.74 4.36 -7.38
CA VAL A 241 -29.69 3.11 -6.62
C VAL A 241 -30.82 3.11 -5.60
N THR A 242 -31.40 1.93 -5.40
CA THR A 242 -32.37 1.69 -4.35
C THR A 242 -31.68 1.05 -3.14
N PRO A 243 -32.08 1.46 -1.94
CA PRO A 243 -31.47 0.89 -0.73
C PRO A 243 -31.44 -0.63 -0.69
N LYS A 244 -32.37 -1.29 -1.40
CA LYS A 244 -32.35 -2.75 -1.45
C LYS A 244 -31.25 -3.26 -2.38
N LEU A 245 -31.01 -2.58 -3.50
CA LEU A 245 -29.97 -3.03 -4.43
C LEU A 245 -28.59 -2.90 -3.78
N VAL A 246 -28.38 -1.88 -2.95
CA VAL A 246 -27.11 -1.73 -2.24
C VAL A 246 -26.88 -2.92 -1.32
N GLU A 247 -27.91 -3.31 -0.55
CA GLU A 247 -27.77 -4.46 0.33
C GLU A 247 -27.40 -5.71 -0.44
N GLU A 248 -28.09 -5.95 -1.55
CA GLU A 248 -27.83 -7.14 -2.34
C GLU A 248 -26.38 -7.22 -2.78
N HIS A 249 -25.77 -6.07 -3.11
CA HIS A 249 -24.39 -6.07 -3.56
C HIS A 249 -23.44 -6.37 -2.41
N LEU A 250 -23.73 -5.82 -1.24
CA LEU A 250 -22.90 -6.08 -0.07
C LEU A 250 -23.00 -7.54 0.37
N LYS A 251 -24.05 -8.24 -0.04
CA LYS A 251 -24.14 -9.66 0.30
C LYS A 251 -22.98 -10.45 -0.30
N SER A 252 -22.51 -10.07 -1.49
CA SER A 252 -21.48 -10.82 -2.22
C SER A 252 -20.28 -11.20 -1.34
N ALA A 253 -19.84 -12.45 -1.47
CA ALA A 253 -18.79 -13.02 -0.63
C ALA A 253 -17.56 -12.13 -0.54
N GLN A 254 -17.28 -11.37 -1.60
CA GLN A 254 -16.04 -10.61 -1.70
C GLN A 254 -15.93 -9.53 -0.62
N TYR A 255 -17.04 -9.24 0.07
CA TYR A 255 -17.04 -8.31 1.20
C TYR A 255 -17.23 -9.02 2.53
N LYS A 256 -17.14 -10.36 2.56
CA LYS A 256 -17.41 -11.11 3.77
C LYS A 256 -16.23 -11.20 4.72
N LYS A 257 -15.00 -11.01 4.24
CA LYS A 257 -13.83 -11.17 5.10
C LYS A 257 -13.71 -9.96 6.03
N PRO A 258 -13.47 -10.18 7.32
CA PRO A 258 -13.39 -9.06 8.27
C PRO A 258 -12.13 -8.23 8.07
N PRO A 259 -12.27 -6.94 7.78
CA PRO A 259 -11.10 -6.11 7.49
C PRO A 259 -10.28 -5.81 8.74
N ILE A 260 -8.97 -5.63 8.52
CA ILE A 260 -8.12 -4.86 9.43
C ILE A 260 -8.51 -3.41 9.26
N THR A 261 -9.13 -2.82 10.26
CA THR A 261 -9.68 -1.49 10.09
C THR A 261 -8.67 -0.43 10.48
N VAL A 262 -8.73 0.70 9.78
CA VAL A 262 -7.94 1.87 10.13
C VAL A 262 -8.74 2.65 11.16
N ASP A 263 -8.23 2.70 12.39
CA ASP A 263 -8.89 3.43 13.48
C ASP A 263 -8.35 4.84 13.47
N SER A 264 -9.17 5.79 12.98
CA SER A 264 -8.78 7.20 12.96
C SER A 264 -8.18 7.67 14.27
N VAL A 265 -8.61 7.09 15.40
CA VAL A 265 -8.15 7.54 16.69
C VAL A 265 -6.67 7.20 16.90
N CYS A 266 -6.16 6.16 16.24
CA CYS A 266 -4.79 5.71 16.39
C CYS A 266 -3.84 6.29 15.34
N LEU A 267 -4.33 7.18 14.48
CA LEU A 267 -3.53 7.78 13.42
C LEU A 267 -2.95 9.10 13.92
N LYS A 268 -1.63 9.14 14.07
CA LYS A 268 -0.92 10.27 14.68
C LYS A 268 -0.24 11.06 13.56
N TRP A 269 -0.99 11.95 12.93
CA TRP A 269 -0.49 12.55 11.70
C TRP A 269 -1.11 13.92 11.49
N ALA A 270 -0.25 14.89 11.17
CA ALA A 270 -0.64 16.25 10.83
C ALA A 270 -0.26 16.53 9.39
N PRO A 271 -1.18 17.06 8.57
CA PRO A 271 -0.86 17.29 7.14
C PRO A 271 0.25 18.29 6.94
N PRO A 272 1.19 18.01 6.02
CA PRO A 272 2.29 18.92 5.67
C PRO A 272 1.77 20.26 5.13
#